data_6YHW
#
_entry.id   6YHW
#
_cell.length_a   63.282
_cell.length_b   68.072
_cell.length_c   95.777
_cell.angle_alpha   90.000
_cell.angle_beta   90.000
_cell.angle_gamma   90.000
#
_symmetry.space_group_name_H-M   'P 21 21 21'
#
loop_
_entity.id
_entity.type
_entity.pdbx_description
1 polymer FimH
2 branched Cycloheptakis-(1-4)-(alpha-D-glucopyranose)
3 non-polymer 2H-1,2,3-TRIAZOL-4-YLMETHANOL
4 non-polymer HEPTANE
5 non-polymer alpha-D-mannopyranose
6 water water
#
_entity_poly.entity_id   1
_entity_poly.type   'polypeptide(L)'
_entity_poly.pdbx_seq_one_letter_code
;MKRVITLFAVLLMGWSVNAWSFACKTANGTAIPIGGGSANVYVNLAPVVNVGQNLVVDLSTQIFCHNDYPETITDYVTLQ
RGSAYGGVLSNFSGTVKYSGSSYPFPTTSETPRVVYNSRTDKPWPVALYLTPVSSAGGVAIKAGSLIAVLILRQTNNYNS
DDFQFVWNIYANNDVVVPTGGCDVSARDVTVTLPDYPGSVPIPLTVYCAKSQNLGYYLSGTTADAGNSIFTNTASFSPAQ
GVGVQLTRNGTIIPANNTVSLGAVGTSAVSLGLTANYARTGGQVTAGNVQSIIGVTFVYQ
;
_entity_poly.pdbx_strand_id   A,B
#
# COMPACT_ATOMS: atom_id res chain seq x y z
N PHE A 22 14.21 10.20 2.06
CA PHE A 22 14.06 11.17 0.96
C PHE A 22 12.64 11.16 0.43
N ALA A 23 12.03 12.35 0.37
CA ALA A 23 10.65 12.50 -0.09
C ALA A 23 10.48 13.90 -0.67
N CYS A 24 9.39 14.10 -1.41
CA CYS A 24 9.15 15.34 -2.12
C CYS A 24 7.72 15.80 -1.91
N LYS A 25 7.49 17.10 -2.07
CA LYS A 25 6.15 17.65 -1.98
C LYS A 25 5.98 18.76 -3.02
N THR A 26 4.72 19.03 -3.36
CA THR A 26 4.37 20.11 -4.27
C THR A 26 3.95 21.34 -3.48
N ALA A 27 3.94 22.48 -4.18
CA ALA A 27 3.53 23.74 -3.56
C ALA A 27 2.17 23.63 -2.88
N ASN A 28 1.26 22.80 -3.39
CA ASN A 28 -0.08 22.73 -2.83
C ASN A 28 -0.20 21.71 -1.70
N GLY A 29 0.88 21.01 -1.34
CA GLY A 29 0.87 20.06 -0.25
C GLY A 29 0.99 18.60 -0.64
N THR A 30 0.75 18.26 -1.89
CA THR A 30 0.77 16.86 -2.29
C THR A 30 2.19 16.31 -2.18
N ALA A 31 2.34 15.14 -1.58
CA ALA A 31 3.64 14.57 -1.32
C ALA A 31 3.77 13.20 -1.98
N ILE A 32 5.01 12.88 -2.36
CA ILE A 32 5.41 11.54 -2.74
C ILE A 32 6.34 11.05 -1.65
N PRO A 33 6.03 9.96 -0.96
CA PRO A 33 6.81 9.56 0.22
C PRO A 33 8.05 8.76 -0.16
N ILE A 34 8.79 8.38 0.88
CA ILE A 34 9.94 7.49 0.77
C ILE A 34 9.56 6.34 -0.14
N GLY A 35 10.48 5.96 -1.04
CA GLY A 35 10.25 4.90 -1.99
C GLY A 35 9.73 5.35 -3.34
N GLY A 36 9.28 6.60 -3.47
CA GLY A 36 8.85 7.11 -4.75
C GLY A 36 7.36 6.92 -4.99
N GLY A 37 6.96 7.23 -6.22
CA GLY A 37 5.57 7.21 -6.63
C GLY A 37 5.31 8.30 -7.67
N SER A 38 4.05 8.73 -7.74
CA SER A 38 3.60 9.70 -8.72
C SER A 38 2.75 10.78 -8.07
N ALA A 39 2.79 11.97 -8.67
CA ALA A 39 1.93 13.08 -8.26
C ALA A 39 1.69 13.99 -9.45
N ASN A 40 0.59 14.73 -9.38
CA ASN A 40 0.23 15.70 -10.41
C ASN A 40 0.61 17.10 -9.93
N VAL A 41 1.13 17.90 -10.85
CA VAL A 41 1.50 19.29 -10.61
C VAL A 41 0.72 20.15 -11.61
N TYR A 42 0.03 21.16 -11.08
CA TYR A 42 -0.84 22.02 -11.88
C TYR A 42 -0.21 23.40 -11.94
N VAL A 43 0.16 23.84 -13.14
CA VAL A 43 0.97 25.04 -13.30
C VAL A 43 0.17 26.08 -14.09
N ASN A 44 0.29 27.32 -13.65
CA ASN A 44 -0.18 28.45 -14.45
C ASN A 44 0.87 28.78 -15.51
N LEU A 45 0.39 29.22 -16.66
CA LEU A 45 1.25 29.50 -17.80
C LEU A 45 0.94 30.88 -18.36
N ALA A 46 1.98 31.58 -18.83
CA ALA A 46 1.76 32.82 -19.57
C ALA A 46 0.66 32.62 -20.61
N PRO A 47 -0.40 33.44 -20.61
CA PRO A 47 -1.52 33.18 -21.51
C PRO A 47 -1.25 33.50 -22.96
N VAL A 48 -0.26 34.32 -23.25
CA VAL A 48 0.09 34.70 -24.62
C VAL A 48 1.60 34.61 -24.77
N VAL A 49 2.06 33.88 -25.77
CA VAL A 49 3.47 33.76 -26.06
C VAL A 49 3.67 33.84 -27.56
N ASN A 50 4.49 34.79 -28.00
CA ASN A 50 4.76 34.96 -29.41
C ASN A 50 5.86 34.02 -29.88
N VAL A 51 5.81 33.68 -31.18
CA VAL A 51 6.97 33.08 -31.82
C VAL A 51 8.18 33.95 -31.50
N GLY A 52 9.29 33.30 -31.18
CA GLY A 52 10.47 34.02 -30.75
C GLY A 52 10.53 34.36 -29.27
N GLN A 53 9.52 33.99 -28.49
CA GLN A 53 9.52 34.17 -27.04
C GLN A 53 9.52 32.82 -26.35
N ASN A 54 9.93 32.81 -25.09
CA ASN A 54 9.94 31.61 -24.27
C ASN A 54 8.75 31.59 -23.34
N LEU A 55 8.04 30.46 -23.33
CA LEU A 55 7.14 30.13 -22.23
C LEU A 55 7.95 29.35 -21.21
N VAL A 56 8.00 29.86 -19.98
CA VAL A 56 8.82 29.27 -18.94
C VAL A 56 7.92 28.52 -17.96
N VAL A 57 8.26 27.28 -17.66
CA VAL A 57 7.56 26.48 -16.66
C VAL A 57 8.59 26.20 -15.56
N ASP A 58 8.55 27.00 -14.50
CA ASP A 58 9.57 26.94 -13.46
C ASP A 58 9.08 25.99 -12.38
N LEU A 59 9.57 24.75 -12.41
CA LEU A 59 9.13 23.81 -11.39
C LEU A 59 9.89 23.95 -10.09
N SER A 60 10.96 24.74 -10.08
CA SER A 60 11.70 24.98 -8.84
C SER A 60 10.83 25.71 -7.82
N THR A 61 9.72 26.31 -8.23
CA THR A 61 8.77 26.91 -7.30
C THR A 61 7.62 25.97 -6.96
N GLN A 62 7.62 24.76 -7.51
CA GLN A 62 6.50 23.84 -7.40
C GLN A 62 6.85 22.53 -6.71
N ILE A 63 8.09 22.08 -6.79
CA ILE A 63 8.49 20.76 -6.35
C ILE A 63 9.69 20.91 -5.41
N PHE A 64 9.57 20.33 -4.22
CA PHE A 64 10.56 20.49 -3.17
C PHE A 64 10.84 19.12 -2.58
N CYS A 65 12.09 18.87 -2.20
CA CYS A 65 12.47 17.57 -1.68
C CYS A 65 13.47 17.75 -0.55
N HIS A 66 13.64 16.69 0.24
CA HIS A 66 14.55 16.75 1.38
C HIS A 66 15.15 15.38 1.64
N ASN A 67 16.25 15.39 2.38
CA ASN A 67 16.96 14.20 2.83
C ASN A 67 16.48 13.86 4.24
N ASP A 68 16.10 12.61 4.47
CA ASP A 68 15.50 12.21 5.75
C ASP A 68 16.52 11.76 6.78
N TYR A 69 17.77 11.57 6.38
CA TYR A 69 18.81 11.08 7.29
C TYR A 69 20.15 11.72 6.95
N PRO A 70 20.22 13.05 6.82
CA PRO A 70 21.47 13.69 6.38
C PRO A 70 22.62 13.52 7.37
N GLU A 71 22.35 13.07 8.59
CA GLU A 71 23.43 12.78 9.53
C GLU A 71 24.36 11.71 8.97
N THR A 72 23.83 10.80 8.17
CA THR A 72 24.59 9.65 7.70
C THR A 72 24.49 9.40 6.20
N ILE A 73 23.44 9.86 5.52
CA ILE A 73 23.19 9.52 4.13
C ILE A 73 23.26 10.78 3.27
N THR A 74 23.87 10.65 2.10
CA THR A 74 23.81 11.65 1.06
C THR A 74 22.89 11.13 -0.04
N ASP A 75 21.93 11.94 -0.43
CA ASP A 75 20.98 11.60 -1.49
C ASP A 75 21.43 12.23 -2.80
N TYR A 76 21.26 11.48 -3.89
CA TYR A 76 21.64 11.91 -5.22
C TYR A 76 20.40 11.93 -6.10
N VAL A 77 20.20 13.04 -6.81
CA VAL A 77 18.95 13.27 -7.53
C VAL A 77 19.24 13.75 -8.93
N THR A 78 18.64 13.09 -9.91
CA THR A 78 18.75 13.49 -11.31
C THR A 78 17.36 13.68 -11.90
N LEU A 79 17.31 14.41 -13.00
CA LEU A 79 16.20 14.30 -13.95
C LEU A 79 16.52 13.10 -14.82
N GLN A 80 15.85 11.98 -14.56
CA GLN A 80 16.18 10.79 -15.33
C GLN A 80 15.72 10.94 -16.77
N ARG A 81 14.49 11.43 -16.96
CA ARG A 81 14.03 11.79 -18.29
C ARG A 81 12.81 12.68 -18.15
N GLY A 82 12.54 13.42 -19.22
CA GLY A 82 11.36 14.26 -19.27
C GLY A 82 10.74 14.15 -20.65
N SER A 83 9.42 14.02 -20.69
CA SER A 83 8.69 13.92 -21.94
C SER A 83 7.68 15.05 -22.06
N ALA A 84 7.45 15.46 -23.31
CA ALA A 84 6.45 16.46 -23.65
C ALA A 84 5.21 15.78 -24.22
N TYR A 85 4.05 16.39 -23.94
CA TYR A 85 2.78 15.84 -24.38
C TYR A 85 1.89 16.96 -24.90
N GLY A 86 0.79 16.55 -25.52
CA GLY A 86 -0.22 17.49 -25.96
C GLY A 86 0.38 18.62 -26.77
N GLY A 87 -0.03 19.85 -26.42
CA GLY A 87 0.37 21.00 -27.22
C GLY A 87 1.85 21.32 -27.15
N VAL A 88 2.52 20.94 -26.05
CA VAL A 88 3.95 21.21 -25.93
C VAL A 88 4.73 20.37 -26.92
N LEU A 89 4.36 19.09 -27.07
CA LEU A 89 5.02 18.24 -28.06
C LEU A 89 4.77 18.76 -29.47
N SER A 90 3.54 19.21 -29.74
CA SER A 90 3.11 19.59 -31.09
C SER A 90 3.57 20.99 -31.47
N ASN A 91 3.56 21.94 -30.54
CA ASN A 91 3.66 23.35 -30.88
C ASN A 91 4.90 24.05 -30.35
N PHE A 92 5.78 23.36 -29.63
CA PHE A 92 6.90 24.01 -28.97
C PHE A 92 8.19 23.24 -29.18
N SER A 93 9.29 23.99 -29.21
CA SER A 93 10.65 23.47 -29.20
C SER A 93 11.21 23.75 -27.82
N GLY A 94 11.68 22.71 -27.14
CA GLY A 94 11.89 22.77 -25.71
C GLY A 94 13.33 22.56 -25.29
N THR A 95 13.69 23.20 -24.18
CA THR A 95 14.91 22.90 -23.46
C THR A 95 14.58 22.82 -21.98
N VAL A 96 15.31 21.97 -21.28
CA VAL A 96 15.17 21.86 -19.83
C VAL A 96 16.47 22.34 -19.20
N LYS A 97 16.34 23.18 -18.20
CA LYS A 97 17.44 23.61 -17.36
C LYS A 97 17.41 22.78 -16.08
N TYR A 98 18.50 22.08 -15.79
CA TYR A 98 18.61 21.32 -14.55
C TYR A 98 19.81 21.88 -13.80
N SER A 99 19.55 22.49 -12.64
CA SER A 99 20.60 23.02 -11.78
C SER A 99 21.63 23.83 -12.56
N GLY A 100 21.15 24.66 -13.49
CA GLY A 100 21.99 25.59 -14.18
C GLY A 100 22.40 25.20 -15.59
N SER A 101 22.28 23.92 -15.96
CA SER A 101 22.69 23.48 -17.29
C SER A 101 21.48 23.16 -18.16
N SER A 102 21.63 23.42 -19.46
CA SER A 102 20.56 23.30 -20.43
C SER A 102 20.73 22.03 -21.26
N TYR A 103 19.62 21.35 -21.51
CA TYR A 103 19.59 20.12 -22.26
C TYR A 103 18.36 20.11 -23.15
N PRO A 104 18.36 19.29 -24.21
CA PRO A 104 17.14 19.13 -25.00
C PRO A 104 15.98 18.66 -24.13
N PHE A 105 14.78 19.15 -24.46
CA PHE A 105 13.55 18.65 -23.86
C PHE A 105 12.55 18.46 -25.00
N PRO A 106 11.99 17.25 -25.20
CA PRO A 106 12.22 16.00 -24.47
C PRO A 106 13.68 15.57 -24.42
N THR A 107 14.03 14.83 -23.37
CA THR A 107 15.42 14.60 -22.99
C THR A 107 16.01 13.42 -23.75
N THR A 108 17.32 13.50 -23.95
CA THR A 108 18.08 12.47 -24.61
C THR A 108 19.06 11.78 -23.69
N SER A 109 19.19 12.24 -22.45
CA SER A 109 20.06 11.59 -21.48
C SER A 109 19.69 12.03 -20.07
N GLU A 110 20.00 11.15 -19.12
CA GLU A 110 19.88 11.48 -17.71
C GLU A 110 20.88 12.56 -17.33
N THR A 111 20.45 13.49 -16.50
CA THR A 111 21.29 14.61 -16.10
C THR A 111 22.35 14.17 -15.10
N PRO A 112 23.34 15.03 -14.83
CA PRO A 112 24.18 14.84 -13.65
C PRO A 112 23.36 14.93 -12.38
N ARG A 113 23.97 14.51 -11.27
CA ARG A 113 23.27 14.40 -10.00
C ARG A 113 23.33 15.72 -9.23
N VAL A 114 22.23 16.02 -8.55
CA VAL A 114 22.18 17.08 -7.54
C VAL A 114 22.21 16.40 -6.18
N VAL A 115 22.95 16.98 -5.24
CA VAL A 115 23.07 16.45 -3.90
C VAL A 115 21.98 17.06 -3.02
N TYR A 116 21.26 16.21 -2.29
CA TYR A 116 20.39 16.63 -1.20
C TYR A 116 21.01 16.12 0.09
N ASN A 117 21.40 17.06 0.97
CA ASN A 117 22.10 16.74 2.21
C ASN A 117 21.44 17.43 3.41
N SER A 118 20.18 17.83 3.28
CA SER A 118 19.52 18.59 4.34
C SER A 118 18.08 18.10 4.48
N ARG A 119 17.58 18.21 5.71
CA ARG A 119 16.19 17.89 6.02
C ARG A 119 15.25 19.04 5.68
N THR A 120 15.77 20.24 5.47
CA THR A 120 14.94 21.34 4.99
C THR A 120 14.53 21.06 3.55
N ASP A 121 13.22 21.07 3.29
CA ASP A 121 12.73 20.92 1.93
C ASP A 121 13.32 22.00 1.04
N LYS A 122 13.91 21.59 -0.07
CA LYS A 122 14.50 22.55 -0.98
C LYS A 122 14.05 22.28 -2.40
N PRO A 123 14.03 23.31 -3.26
CA PRO A 123 13.49 23.14 -4.60
C PRO A 123 14.21 22.08 -5.41
N TRP A 124 13.45 21.41 -6.25
CA TRP A 124 14.03 20.60 -7.29
C TRP A 124 14.33 21.55 -8.46
N PRO A 125 15.60 21.79 -8.78
CA PRO A 125 15.96 22.88 -9.72
C PRO A 125 15.72 22.57 -11.20
N VAL A 126 14.45 22.49 -11.58
CA VAL A 126 14.01 22.16 -12.93
C VAL A 126 13.20 23.31 -13.49
N ALA A 127 13.50 23.70 -14.73
CA ALA A 127 12.71 24.69 -15.45
C ALA A 127 12.67 24.33 -16.93
N LEU A 128 11.48 24.40 -17.52
CA LEU A 128 11.30 24.20 -18.94
C LEU A 128 11.25 25.56 -19.63
N TYR A 129 11.98 25.66 -20.74
CA TYR A 129 11.96 26.84 -21.60
C TYR A 129 11.42 26.40 -22.96
N LEU A 130 10.23 26.86 -23.31
CA LEU A 130 9.47 26.35 -24.45
C LEU A 130 9.18 27.51 -25.40
N THR A 131 9.66 27.39 -26.63
CA THR A 131 9.41 28.46 -27.58
C THR A 131 8.58 27.94 -28.76
N PRO A 132 7.61 28.71 -29.24
CA PRO A 132 6.73 28.19 -30.30
C PRO A 132 7.49 27.81 -31.55
N VAL A 133 7.09 26.69 -32.16
CA VAL A 133 7.59 26.36 -33.49
C VAL A 133 6.91 27.26 -34.51
N SER A 134 7.53 27.36 -35.69
CA SER A 134 7.02 28.25 -36.73
C SER A 134 5.60 27.88 -37.15
N SER A 135 5.25 26.60 -37.07
CA SER A 135 3.90 26.20 -37.46
C SER A 135 2.85 26.48 -36.37
N ALA A 136 3.26 26.89 -35.18
CA ALA A 136 2.32 27.08 -34.09
C ALA A 136 1.50 28.34 -34.29
N GLY A 137 0.25 28.29 -33.88
CA GLY A 137 -0.64 29.43 -33.93
C GLY A 137 -1.95 29.12 -33.23
N GLY A 138 -2.55 30.13 -32.60
CA GLY A 138 -3.83 29.91 -31.93
C GLY A 138 -3.63 29.31 -30.55
N VAL A 139 -4.58 28.48 -30.12
CA VAL A 139 -4.44 27.85 -28.82
C VAL A 139 -3.40 26.74 -28.97
N ALA A 140 -2.19 26.99 -28.46
CA ALA A 140 -1.09 26.06 -28.61
C ALA A 140 -0.98 25.08 -27.45
N ILE A 141 -1.46 25.48 -26.26
CA ILE A 141 -1.59 24.62 -25.10
C ILE A 141 -3.01 24.81 -24.56
N LYS A 142 -3.68 23.71 -24.26
CA LYS A 142 -5.04 23.75 -23.71
C LYS A 142 -5.10 23.59 -22.20
N ALA A 143 -5.96 24.40 -21.59
CA ALA A 143 -6.26 24.27 -20.16
C ALA A 143 -6.61 22.85 -19.77
N GLY A 144 -5.98 22.38 -18.70
CA GLY A 144 -6.26 21.07 -18.16
C GLY A 144 -5.51 19.93 -18.82
N SER A 145 -4.71 20.21 -19.83
CA SER A 145 -4.04 19.14 -20.56
C SER A 145 -2.72 18.77 -19.89
N LEU A 146 -2.35 17.50 -20.05
CA LEU A 146 -1.02 17.05 -19.70
C LEU A 146 -0.02 17.66 -20.68
N ILE A 147 1.01 18.30 -20.16
CA ILE A 147 2.02 18.91 -21.01
C ILE A 147 3.40 18.30 -20.82
N ALA A 148 3.67 17.64 -19.70
CA ALA A 148 4.98 17.04 -19.49
C ALA A 148 4.87 15.97 -18.42
N VAL A 149 5.80 15.01 -18.49
CA VAL A 149 6.08 14.08 -17.39
C VAL A 149 7.58 14.15 -17.13
N LEU A 150 7.95 14.43 -15.89
CA LEU A 150 9.34 14.56 -15.49
C LEU A 150 9.65 13.50 -14.44
N ILE A 151 10.70 12.72 -14.65
CA ILE A 151 11.06 11.63 -13.75
C ILE A 151 12.27 12.05 -12.93
N LEU A 152 12.03 12.22 -11.63
CA LEU A 152 13.09 12.47 -10.65
C LEU A 152 13.59 11.12 -10.14
N ARG A 153 14.88 10.87 -10.28
CA ARG A 153 15.51 9.62 -9.85
C ARG A 153 16.39 9.89 -8.64
N GLN A 154 16.18 9.13 -7.57
CA GLN A 154 16.87 9.34 -6.31
C GLN A 154 17.65 8.07 -5.95
N THR A 155 18.96 8.22 -5.74
CA THR A 155 19.80 7.18 -5.19
C THR A 155 20.53 7.76 -3.97
N ASN A 156 21.45 7.00 -3.37
CA ASN A 156 22.21 7.51 -2.22
C ASN A 156 23.57 6.82 -2.16
N ASN A 157 24.36 7.20 -1.16
CA ASN A 157 25.67 6.64 -0.90
C ASN A 157 25.66 5.61 0.23
N TYR A 158 24.50 5.00 0.50
CA TYR A 158 24.28 4.19 1.70
C TYR A 158 23.88 2.78 1.39
N ASN A 159 22.86 2.58 0.55
CA ASN A 159 22.39 1.25 0.18
C ASN A 159 22.10 1.23 -1.32
N SER A 160 21.19 0.35 -1.75
CA SER A 160 20.91 0.17 -3.17
C SER A 160 19.60 0.83 -3.59
N ASP A 161 19.07 1.73 -2.77
CA ASP A 161 17.82 2.39 -3.11
C ASP A 161 17.93 3.07 -4.47
N ASP A 162 16.89 2.90 -5.28
CA ASP A 162 16.83 3.49 -6.61
C ASP A 162 15.36 3.74 -6.89
N PHE A 163 14.91 4.98 -6.66
CA PHE A 163 13.49 5.31 -6.60
C PHE A 163 13.14 6.36 -7.65
N GLN A 164 11.94 6.23 -8.21
CA GLN A 164 11.43 7.19 -9.17
C GLN A 164 10.29 8.00 -8.55
N PHE A 165 10.38 9.31 -8.67
CA PHE A 165 9.29 10.23 -8.32
C PHE A 165 8.80 10.83 -9.63
N VAL A 166 7.58 10.45 -10.03
CA VAL A 166 7.08 10.76 -11.36
C VAL A 166 6.13 11.94 -11.23
N TRP A 167 6.46 13.04 -11.90
CA TRP A 167 5.71 14.29 -11.81
C TRP A 167 4.95 14.50 -13.11
N ASN A 168 3.63 14.43 -13.04
CA ASN A 168 2.74 14.67 -14.18
C ASN A 168 2.35 16.15 -14.17
N ILE A 169 2.77 16.89 -15.21
CA ILE A 169 2.59 18.33 -15.24
C ILE A 169 1.38 18.67 -16.10
N TYR A 170 0.44 19.42 -15.52
CA TYR A 170 -0.82 19.78 -16.17
C TYR A 170 -0.92 21.29 -16.27
N ALA A 171 -1.43 21.77 -17.41
CA ALA A 171 -1.62 23.18 -17.64
C ALA A 171 -2.88 23.67 -16.95
N ASN A 172 -2.80 24.80 -16.24
CA ASN A 172 -3.98 25.36 -15.61
C ASN A 172 -4.82 26.21 -16.55
N ASN A 173 -4.27 26.61 -17.71
CA ASN A 173 -4.96 27.56 -18.58
C ASN A 173 -4.47 27.39 -20.00
N ASP A 174 -5.27 27.90 -20.94
CA ASP A 174 -4.89 27.96 -22.34
C ASP A 174 -3.66 28.85 -22.54
N VAL A 175 -2.88 28.52 -23.56
CA VAL A 175 -1.80 29.37 -24.02
C VAL A 175 -2.04 29.64 -25.49
N VAL A 176 -2.12 30.93 -25.84
CA VAL A 176 -2.40 31.37 -27.20
C VAL A 176 -1.11 31.88 -27.82
N VAL A 177 -0.80 31.39 -29.01
CA VAL A 177 0.30 31.91 -29.82
C VAL A 177 -0.30 32.81 -30.89
N PRO A 178 -0.06 34.13 -30.85
CA PRO A 178 -0.64 35.02 -31.86
C PRO A 178 -0.23 34.67 -33.28
N THR A 179 -1.13 34.97 -34.21
CA THR A 179 -0.90 34.72 -35.64
C THR A 179 -1.04 36.03 -36.43
N GLY A 180 -0.89 35.96 -37.75
N PHE B 22 -5.08 -28.27 30.16
CA PHE B 22 -5.30 -27.26 29.05
C PHE B 22 -6.74 -27.29 28.54
N ALA B 23 -7.36 -26.10 28.51
CA ALA B 23 -8.74 -25.95 28.07
C ALA B 23 -8.93 -24.54 27.49
N CYS B 24 -10.01 -24.37 26.74
CA CYS B 24 -10.27 -23.16 25.98
C CYS B 24 -11.72 -22.72 26.15
N LYS B 25 -11.97 -21.42 25.97
CA LYS B 25 -13.33 -20.89 26.05
C LYS B 25 -13.49 -19.78 25.03
N THR B 26 -14.74 -19.52 24.65
CA THR B 26 -15.07 -18.43 23.74
C THR B 26 -15.62 -17.23 24.51
N ALA B 27 -15.59 -16.08 23.85
CA ALA B 27 -16.27 -14.91 24.39
C ALA B 27 -17.72 -15.29 24.64
N ASN B 28 -18.18 -15.04 25.86
CA ASN B 28 -19.44 -15.57 26.40
C ASN B 28 -19.04 -16.86 27.11
N GLY B 29 -19.96 -17.80 27.30
CA GLY B 29 -19.65 -18.93 28.15
C GLY B 29 -19.10 -20.23 27.59
N THR B 30 -19.19 -20.47 26.29
CA THR B 30 -18.91 -21.81 25.77
C THR B 30 -17.44 -22.20 25.93
N ALA B 31 -17.22 -23.40 26.49
CA ALA B 31 -15.88 -23.92 26.77
C ALA B 31 -15.69 -25.29 26.12
N ILE B 32 -14.46 -25.58 25.75
CA ILE B 32 -14.03 -26.92 25.36
C ILE B 32 -13.08 -27.42 26.44
N PRO B 33 -13.37 -28.56 27.08
CA PRO B 33 -12.61 -28.96 28.28
C PRO B 33 -11.33 -29.71 27.94
N ILE B 34 -10.61 -30.08 29.01
CA ILE B 34 -9.43 -30.94 28.87
C ILE B 34 -9.76 -32.11 27.95
N GLY B 35 -8.83 -32.41 27.03
CA GLY B 35 -9.00 -33.48 26.08
C GLY B 35 -9.55 -33.05 24.73
N GLY B 36 -10.00 -31.81 24.59
CA GLY B 36 -10.45 -31.32 23.31
C GLY B 36 -11.93 -31.55 23.09
N GLY B 37 -12.35 -31.24 21.87
CA GLY B 37 -13.75 -31.25 21.49
C GLY B 37 -14.02 -30.18 20.44
N SER B 38 -15.28 -29.75 20.39
CA SER B 38 -15.76 -28.81 19.39
C SER B 38 -16.62 -27.74 20.05
N ALA B 39 -16.63 -26.55 19.44
CA ALA B 39 -17.49 -25.46 19.87
C ALA B 39 -17.76 -24.53 18.70
N ASN B 40 -18.87 -23.80 18.79
CA ASN B 40 -19.28 -22.83 17.79
C ASN B 40 -18.90 -21.40 18.21
N VAL B 41 -18.42 -20.63 17.25
CA VAL B 41 -18.05 -19.23 17.47
C VAL B 41 -18.86 -18.39 16.48
N TYR B 42 -19.55 -17.39 17.01
CA TYR B 42 -20.45 -16.56 16.23
C TYR B 42 -19.85 -15.16 16.15
N VAL B 43 -19.53 -14.72 14.94
CA VAL B 43 -18.75 -13.51 14.74
C VAL B 43 -19.58 -12.51 13.96
N ASN B 44 -19.53 -11.25 14.39
CA ASN B 44 -20.03 -10.15 13.59
C ASN B 44 -18.99 -9.80 12.54
N LEU B 45 -19.46 -9.36 11.38
CA LEU B 45 -18.58 -9.06 10.25
C LEU B 45 -18.87 -7.69 9.69
N ALA B 46 -17.83 -7.00 9.25
CA ALA B 46 -18.04 -5.76 8.52
C ALA B 46 -19.13 -5.98 7.48
N PRO B 47 -20.17 -5.16 7.45
CA PRO B 47 -21.30 -5.45 6.53
C PRO B 47 -21.02 -5.12 5.08
N VAL B 48 -20.03 -4.29 4.79
CA VAL B 48 -19.69 -3.91 3.43
C VAL B 48 -18.18 -3.96 3.28
N VAL B 49 -17.70 -4.71 2.29
CA VAL B 49 -16.26 -4.81 2.03
C VAL B 49 -16.05 -4.71 0.53
N ASN B 50 -15.24 -3.75 0.11
CA ASN B 50 -14.97 -3.56 -1.31
C ASN B 50 -13.85 -4.47 -1.77
N VAL B 51 -13.90 -4.81 -3.06
CA VAL B 51 -12.72 -5.37 -3.71
C VAL B 51 -11.54 -4.48 -3.38
N GLY B 52 -10.41 -5.10 -3.04
CA GLY B 52 -9.25 -4.36 -2.60
C GLY B 52 -9.21 -4.02 -1.13
N GLN B 53 -10.23 -4.38 -0.36
CA GLN B 53 -10.23 -4.22 1.08
C GLN B 53 -10.23 -5.59 1.76
N ASN B 54 -9.79 -5.60 3.03
CA ASN B 54 -9.77 -6.81 3.83
C ASN B 54 -10.96 -6.85 4.77
N LEU B 55 -11.65 -7.98 4.78
CA LEU B 55 -12.57 -8.33 5.85
C LEU B 55 -11.75 -9.08 6.89
N VAL B 56 -11.74 -8.58 8.11
CA VAL B 56 -10.92 -9.15 9.18
C VAL B 56 -11.81 -9.94 10.12
N VAL B 57 -11.41 -11.17 10.42
CA VAL B 57 -12.08 -12.01 11.41
C VAL B 57 -11.04 -12.28 12.49
N ASP B 58 -11.11 -11.50 13.57
CA ASP B 58 -10.12 -11.56 14.65
C ASP B 58 -10.63 -12.53 15.72
N LEU B 59 -10.12 -13.76 15.71
CA LEU B 59 -10.54 -14.73 16.71
C LEU B 59 -9.80 -14.56 18.04
N SER B 60 -8.74 -13.76 18.07
CA SER B 60 -8.03 -13.51 19.33
C SER B 60 -8.91 -12.80 20.34
N THR B 61 -10.00 -12.19 19.91
CA THR B 61 -10.96 -11.58 20.84
C THR B 61 -12.10 -12.54 21.14
N GLN B 62 -12.09 -13.72 20.54
CA GLN B 62 -13.18 -14.68 20.62
C GLN B 62 -12.81 -15.99 21.30
N ILE B 63 -11.54 -16.39 21.26
CA ILE B 63 -11.12 -17.71 21.72
C ILE B 63 -9.94 -17.54 22.66
N PHE B 64 -10.05 -18.12 23.85
CA PHE B 64 -9.05 -17.96 24.92
C PHE B 64 -8.75 -19.33 25.51
N CYS B 65 -7.49 -19.59 25.81
CA CYS B 65 -7.10 -20.85 26.42
C CYS B 65 -6.09 -20.62 27.52
N HIS B 66 -5.91 -21.65 28.36
CA HIS B 66 -4.98 -21.60 29.48
C HIS B 66 -4.40 -22.97 29.74
N ASN B 67 -3.29 -22.97 30.47
CA ASN B 67 -2.56 -24.15 30.92
C ASN B 67 -3.01 -24.48 32.33
N ASP B 68 -3.38 -25.74 32.58
CA ASP B 68 -3.95 -26.12 33.87
C ASP B 68 -2.91 -26.53 34.90
N TYR B 69 -1.66 -26.69 34.47
CA TYR B 69 -0.60 -27.14 35.38
C TYR B 69 0.71 -26.45 35.04
N PRO B 70 0.73 -25.13 34.93
CA PRO B 70 1.96 -24.43 34.53
C PRO B 70 3.11 -24.58 35.53
N GLU B 71 2.84 -25.11 36.73
CA GLU B 71 3.93 -25.36 37.68
C GLU B 71 4.95 -26.34 37.12
N THR B 72 4.52 -27.27 36.28
CA THR B 72 5.43 -28.30 35.77
C THR B 72 5.27 -28.59 34.27
N ILE B 73 4.18 -28.20 33.62
CA ILE B 73 3.91 -28.57 32.23
C ILE B 73 3.93 -27.32 31.37
N THR B 74 4.52 -27.46 30.18
CA THR B 74 4.43 -26.46 29.12
C THR B 74 3.53 -27.02 28.02
N ASP B 75 2.53 -26.24 27.64
CA ASP B 75 1.59 -26.62 26.58
C ASP B 75 2.00 -25.98 25.27
N TYR B 76 1.83 -26.72 24.19
CA TYR B 76 2.18 -26.31 22.85
C TYR B 76 0.94 -26.31 21.98
N VAL B 77 0.70 -25.22 21.25
CA VAL B 77 -0.55 -25.03 20.55
C VAL B 77 -0.26 -24.57 19.13
N THR B 78 -0.86 -25.24 18.15
CA THR B 78 -0.75 -24.86 16.76
C THR B 78 -2.14 -24.67 16.17
N LEU B 79 -2.18 -23.93 15.07
CA LEU B 79 -3.29 -24.06 14.14
C LEU B 79 -2.93 -25.25 13.27
N GLN B 80 -3.56 -26.39 13.51
CA GLN B 80 -3.20 -27.57 12.74
C GLN B 80 -3.68 -27.41 11.31
N ARG B 81 -4.92 -26.98 11.13
CA ARG B 81 -5.40 -26.61 9.82
C ARG B 81 -6.64 -25.73 9.96
N GLY B 82 -6.90 -25.00 8.89
CA GLY B 82 -8.09 -24.17 8.82
C GLY B 82 -8.72 -24.29 7.46
N SER B 83 -10.03 -24.46 7.43
CA SER B 83 -10.77 -24.60 6.19
C SER B 83 -11.77 -23.45 6.05
N ALA B 84 -12.03 -23.07 4.81
CA ALA B 84 -13.04 -22.08 4.46
C ALA B 84 -14.29 -22.78 3.93
N TYR B 85 -15.44 -22.17 4.20
CA TYR B 85 -16.71 -22.71 3.73
C TYR B 85 -17.60 -21.59 3.18
N GLY B 86 -18.66 -22.00 2.51
CA GLY B 86 -19.67 -21.07 2.03
C GLY B 86 -19.12 -19.91 1.23
N GLY B 87 -19.59 -18.71 1.56
CA GLY B 87 -19.23 -17.55 0.78
C GLY B 87 -17.77 -17.18 0.88
N VAL B 88 -17.12 -17.54 1.99
CA VAL B 88 -15.70 -17.27 2.16
C VAL B 88 -14.88 -18.09 1.18
N LEU B 89 -15.21 -19.37 1.03
CA LEU B 89 -14.52 -20.20 0.06
C LEU B 89 -14.76 -19.68 -1.36
N SER B 90 -16.00 -19.26 -1.64
CA SER B 90 -16.43 -18.91 -2.98
C SER B 90 -16.00 -17.49 -3.39
N ASN B 91 -16.01 -16.55 -2.45
CA ASN B 91 -15.92 -15.15 -2.81
C ASN B 91 -14.69 -14.44 -2.26
N PHE B 92 -13.83 -15.13 -1.54
CA PHE B 92 -12.71 -14.46 -0.89
C PHE B 92 -11.42 -15.22 -1.11
N SER B 93 -10.33 -14.45 -1.12
CA SER B 93 -8.96 -14.94 -1.07
C SER B 93 -8.42 -14.62 0.32
N GLY B 94 -7.92 -15.63 1.02
CA GLY B 94 -7.69 -15.54 2.45
C GLY B 94 -6.25 -15.75 2.87
N THR B 95 -5.87 -15.10 3.95
CA THR B 95 -4.66 -15.46 4.68
C THR B 95 -5.02 -15.51 6.15
N VAL B 96 -4.36 -16.40 6.87
CA VAL B 96 -4.53 -16.51 8.31
C VAL B 96 -3.23 -16.04 8.94
N LYS B 97 -3.35 -15.17 9.92
CA LYS B 97 -2.21 -14.72 10.69
C LYS B 97 -2.23 -15.46 12.03
N TYR B 98 -1.14 -16.15 12.33
CA TYR B 98 -0.99 -16.88 13.58
C TYR B 98 0.23 -16.33 14.29
N SER B 99 0.00 -15.72 15.45
CA SER B 99 1.08 -15.21 16.29
C SER B 99 2.06 -14.38 15.46
N GLY B 100 1.53 -13.51 14.61
CA GLY B 100 2.33 -12.54 13.90
C GLY B 100 2.73 -12.94 12.50
N SER B 101 2.64 -14.23 12.15
CA SER B 101 3.07 -14.71 10.84
C SER B 101 1.86 -15.05 9.98
N SER B 102 2.00 -14.84 8.68
CA SER B 102 0.92 -14.98 7.72
C SER B 102 1.06 -16.26 6.90
N TYR B 103 -0.07 -16.92 6.69
CA TYR B 103 -0.11 -18.16 5.94
C TYR B 103 -1.32 -18.16 5.04
N PRO B 104 -1.31 -18.97 3.98
CA PRO B 104 -2.52 -19.13 3.17
C PRO B 104 -3.67 -19.66 4.01
N PHE B 105 -4.87 -19.21 3.66
CA PHE B 105 -6.07 -19.77 4.24
C PHE B 105 -7.07 -19.97 3.10
N PRO B 106 -7.60 -21.19 2.90
CA PRO B 106 -7.36 -22.45 3.62
C PRO B 106 -5.89 -22.84 3.70
N THR B 107 -5.55 -23.58 4.75
CA THR B 107 -4.17 -23.78 5.14
C THR B 107 -3.56 -24.95 4.38
N THR B 108 -2.25 -24.86 4.17
CA THR B 108 -1.47 -25.88 3.48
C THR B 108 -0.45 -26.55 4.39
N SER B 109 -0.31 -26.10 5.64
CA SER B 109 0.58 -26.73 6.60
C SER B 109 0.24 -26.29 8.02
N GLU B 110 0.57 -27.15 8.98
CA GLU B 110 0.43 -26.82 10.40
C GLU B 110 1.40 -25.70 10.77
N THR B 111 0.93 -24.78 11.59
CA THR B 111 1.73 -23.63 11.99
C THR B 111 2.80 -24.05 12.99
N PRO B 112 3.77 -23.17 13.25
CA PRO B 112 4.64 -23.34 14.42
C PRO B 112 3.83 -23.28 15.71
N ARG B 113 4.47 -23.69 16.80
CA ARG B 113 3.80 -23.83 18.08
C ARG B 113 3.84 -22.54 18.87
N VAL B 114 2.73 -22.25 19.55
CA VAL B 114 2.66 -21.19 20.56
C VAL B 114 2.64 -21.84 21.93
N VAL B 115 3.39 -21.27 22.86
CA VAL B 115 3.49 -21.79 24.21
C VAL B 115 2.42 -21.15 25.08
N TYR B 116 1.70 -21.97 25.82
CA TYR B 116 0.85 -21.52 26.90
C TYR B 116 1.47 -21.98 28.21
N ASN B 117 1.85 -21.03 29.05
CA ASN B 117 2.58 -21.28 30.28
C ASN B 117 1.91 -20.64 31.49
N SER B 118 0.62 -20.33 31.41
CA SER B 118 -0.10 -19.63 32.46
C SER B 118 -1.49 -20.20 32.61
N ARG B 119 -2.01 -20.15 33.84
CA ARG B 119 -3.39 -20.52 34.08
C ARG B 119 -4.36 -19.37 33.75
N THR B 120 -3.86 -18.17 33.52
CA THR B 120 -4.74 -17.10 33.06
C THR B 120 -5.15 -17.38 31.61
N ASP B 121 -6.45 -17.38 31.36
CA ASP B 121 -6.96 -17.53 29.99
C ASP B 121 -6.41 -16.42 29.10
N LYS B 122 -5.81 -16.81 27.99
CA LYS B 122 -5.22 -15.83 27.10
C LYS B 122 -5.64 -16.08 25.65
N PRO B 123 -5.62 -15.04 24.81
CA PRO B 123 -6.13 -15.20 23.46
C PRO B 123 -5.41 -16.27 22.67
N TRP B 124 -6.16 -16.94 21.82
CA TRP B 124 -5.58 -17.76 20.78
C TRP B 124 -5.26 -16.81 19.62
N PRO B 125 -3.98 -16.57 19.28
CA PRO B 125 -3.64 -15.46 18.36
C PRO B 125 -3.88 -15.78 16.88
N VAL B 126 -5.16 -15.87 16.51
CA VAL B 126 -5.59 -16.20 15.16
C VAL B 126 -6.46 -15.07 14.63
N ALA B 127 -6.18 -14.65 13.39
CA ALA B 127 -7.00 -13.69 12.66
C ALA B 127 -6.99 -14.04 11.18
N LEU B 128 -8.17 -14.02 10.56
CA LEU B 128 -8.33 -14.23 9.13
C LEU B 128 -8.42 -12.89 8.43
N TYR B 129 -7.70 -12.77 7.32
CA TYR B 129 -7.77 -11.60 6.44
C TYR B 129 -8.30 -12.09 5.11
N LEU B 130 -9.49 -11.63 4.74
CA LEU B 130 -10.23 -12.15 3.60
C LEU B 130 -10.54 -11.00 2.65
N THR B 131 -10.06 -11.10 1.42
CA THR B 131 -10.32 -10.04 0.47
C THR B 131 -11.14 -10.58 -0.69
N PRO B 132 -12.14 -9.84 -1.17
CA PRO B 132 -12.99 -10.38 -2.23
C PRO B 132 -12.19 -10.72 -3.48
N VAL B 133 -12.53 -11.86 -4.08
CA VAL B 133 -12.03 -12.15 -5.41
C VAL B 133 -12.75 -11.28 -6.43
N SER B 134 -12.12 -11.10 -7.59
CA SER B 134 -12.70 -10.22 -8.60
C SER B 134 -14.09 -10.67 -9.04
N SER B 135 -14.39 -11.96 -8.96
CA SER B 135 -15.72 -12.39 -9.38
C SER B 135 -16.79 -12.09 -8.33
N ALA B 136 -16.40 -11.65 -7.14
CA ALA B 136 -17.37 -11.45 -6.07
C ALA B 136 -18.17 -10.18 -6.28
N GLY B 137 -19.45 -10.22 -5.90
CA GLY B 137 -20.33 -9.07 -5.95
C GLY B 137 -21.64 -9.40 -5.25
N GLY B 138 -22.24 -8.42 -4.60
CA GLY B 138 -23.51 -8.66 -3.93
C GLY B 138 -23.30 -9.32 -2.58
N VAL B 139 -24.24 -10.17 -2.19
CA VAL B 139 -24.16 -10.83 -0.90
C VAL B 139 -23.09 -11.92 -0.99
N ALA B 140 -21.93 -11.65 -0.40
CA ALA B 140 -20.81 -12.56 -0.51
C ALA B 140 -20.74 -13.57 0.62
N ILE B 141 -21.26 -13.21 1.79
CA ILE B 141 -21.40 -14.11 2.93
C ILE B 141 -22.83 -13.98 3.46
N LYS B 142 -23.46 -15.12 3.75
CA LYS B 142 -24.82 -15.12 4.29
C LYS B 142 -24.81 -15.20 5.82
N ALA B 143 -25.64 -14.37 6.43
CA ALA B 143 -25.88 -14.45 7.87
C ALA B 143 -26.25 -15.88 8.26
N GLY B 144 -25.61 -16.38 9.31
CA GLY B 144 -25.90 -17.70 9.81
C GLY B 144 -25.14 -18.82 9.14
N SER B 145 -24.30 -18.51 8.15
CA SER B 145 -23.59 -19.55 7.42
C SER B 145 -22.30 -19.90 8.14
N LEU B 146 -21.90 -21.17 8.01
CA LEU B 146 -20.57 -21.59 8.39
C LEU B 146 -19.57 -20.97 7.42
N ILE B 147 -18.58 -20.26 7.95
CA ILE B 147 -17.57 -19.63 7.12
C ILE B 147 -16.19 -20.22 7.31
N ALA B 148 -15.92 -20.90 8.42
CA ALA B 148 -14.61 -21.47 8.62
C ALA B 148 -14.65 -22.55 9.70
N VAL B 149 -13.73 -23.50 9.60
CA VAL B 149 -13.41 -24.43 10.68
C VAL B 149 -11.92 -24.35 10.93
N LEU B 150 -11.55 -24.08 12.16
CA LEU B 150 -10.15 -23.96 12.57
C LEU B 150 -9.85 -25.02 13.62
N ILE B 151 -8.79 -25.78 13.39
CA ILE B 151 -8.41 -26.87 14.29
C ILE B 151 -7.21 -26.42 15.10
N LEU B 152 -7.42 -26.27 16.41
CA LEU B 152 -6.36 -26.01 17.37
C LEU B 152 -5.85 -27.34 17.90
N ARG B 153 -4.54 -27.58 17.76
CA ARG B 153 -3.91 -28.82 18.22
C ARG B 153 -3.04 -28.52 19.42
N GLN B 154 -3.25 -29.25 20.51
CA GLN B 154 -2.55 -29.01 21.75
C GLN B 154 -1.73 -30.23 22.14
N THR B 155 -0.44 -30.02 22.36
CA THR B 155 0.44 -31.02 22.96
C THR B 155 1.16 -30.39 24.14
N ASN B 156 2.09 -31.14 24.74
CA ASN B 156 2.81 -30.66 25.90
C ASN B 156 4.18 -31.33 25.95
N ASN B 157 4.95 -30.94 26.97
CA ASN B 157 6.27 -31.52 27.25
C ASN B 157 6.24 -32.50 28.41
N TYR B 158 5.08 -33.12 28.67
CA TYR B 158 4.86 -33.92 29.86
C TYR B 158 4.50 -35.36 29.53
N ASN B 159 3.51 -35.57 28.66
CA ASN B 159 3.09 -36.92 28.31
C ASN B 159 2.84 -36.98 26.80
N SER B 160 1.95 -37.88 26.37
CA SER B 160 1.69 -38.09 24.96
C SER B 160 0.38 -37.47 24.52
N ASP B 161 -0.19 -36.58 25.33
CA ASP B 161 -1.45 -35.93 24.96
C ASP B 161 -1.29 -35.23 23.62
N ASP B 162 -2.32 -35.41 22.78
CA ASP B 162 -2.38 -34.80 21.46
C ASP B 162 -3.87 -34.59 21.17
N PHE B 163 -4.37 -33.39 21.43
CA PHE B 163 -5.80 -33.13 21.45
C PHE B 163 -6.17 -32.07 20.43
N GLN B 164 -7.36 -32.23 19.85
CA GLN B 164 -7.90 -31.27 18.88
C GLN B 164 -9.06 -30.50 19.51
N PHE B 165 -8.99 -29.17 19.40
CA PHE B 165 -10.07 -28.27 19.78
C PHE B 165 -10.59 -27.64 18.48
N VAL B 166 -11.80 -28.00 18.09
CA VAL B 166 -12.32 -27.69 16.76
C VAL B 166 -13.27 -26.51 16.89
N TRP B 167 -12.97 -25.43 16.17
CA TRP B 167 -13.72 -24.18 16.25
C TRP B 167 -14.49 -23.97 14.95
N ASN B 168 -15.82 -24.06 15.04
CA ASN B 168 -16.71 -23.82 13.90
C ASN B 168 -17.16 -22.37 13.94
N ILE B 169 -16.77 -21.59 12.93
CA ILE B 169 -16.97 -20.14 12.93
C ILE B 169 -18.22 -19.83 12.10
N TYR B 170 -19.13 -19.06 12.68
CA TYR B 170 -20.38 -18.72 12.02
C TYR B 170 -20.50 -17.22 11.88
N ALA B 171 -21.00 -16.80 10.72
CA ALA B 171 -21.21 -15.39 10.44
C ALA B 171 -22.53 -14.94 11.08
N ASN B 172 -22.48 -13.82 11.80
CA ASN B 172 -23.68 -13.27 12.40
C ASN B 172 -24.52 -12.45 11.43
N ASN B 173 -23.96 -12.04 10.29
CA ASN B 173 -24.65 -11.11 9.40
C ASN B 173 -24.16 -11.28 7.98
N ASP B 174 -24.98 -10.79 7.05
CA ASP B 174 -24.58 -10.71 5.64
C ASP B 174 -23.37 -9.80 5.49
N VAL B 175 -22.57 -10.09 4.47
CA VAL B 175 -21.47 -9.24 4.03
C VAL B 175 -21.68 -8.96 2.56
N VAL B 176 -21.79 -7.68 2.19
CA VAL B 176 -22.07 -7.26 0.83
C VAL B 176 -20.78 -6.75 0.21
N VAL B 177 -20.47 -7.20 -0.99
CA VAL B 177 -19.36 -6.68 -1.78
C VAL B 177 -19.95 -5.73 -2.83
N PRO B 178 -19.71 -4.42 -2.73
CA PRO B 178 -20.28 -3.50 -3.71
C PRO B 178 -19.82 -3.83 -5.12
N THR B 179 -20.70 -3.54 -6.08
CA THR B 179 -20.43 -3.79 -7.49
C THR B 179 -20.62 -2.51 -8.29
N GLY B 180 -20.34 -2.58 -9.59
#